data_5EBV
#
_entry.id   5EBV
#
_cell.length_a   175.168
_cell.length_b   175.168
_cell.length_c   122.320
_cell.angle_alpha   90.00
_cell.angle_beta   90.00
_cell.angle_gamma   120.00
#
_symmetry.space_group_name_H-M   'H 3 2'
#
loop_
_entity.id
_entity.type
_entity.pdbx_description
1 polymer 'Enhanced intracellular survival protein'
2 non-polymer 'COENZYME A'
3 non-polymer 5-(4-chlorophenyl)-~{N}-[3-(3,4-dihydro-1~{H}-isoquinolin-2-yl)propyl]-4-methyl-1,1-bis(oxidanylidene)-1,2-thiazol-3-amine
4 non-polymer 'CHLORIDE ION'
5 water water
#
_entity_poly.entity_id   1
_entity_poly.type   'polypeptide(L)'
_entity_poly.pdbx_seq_one_letter_code
;MGSSHHHHHHSSGLVPRGSHMTVTLCSPTEDDWPGMFLLAAASFTDFIGPESATAWRTLVPTDGAVVVRDGAGPGSEVVG
MALYMDLRLTVPGEVVLPTAGLSFVAVAPTHRRRGLLRAMCAELHRRIADSGYPVAALHASEGGIYGRFGYGPATTLHEL
TVDRRFARFHADAPGGGLGGSSVRLVRPTEHRGEFEAIYERWRQQVPGGLLRPQVLWDELLAEAKAAPGGDRESFALLHP
DGYALYRVDRTDLKLARVSELRAVTADAHCALWRALIGLDSMERISIITHPQDPLPHLLTDTRLARTTWRQDGLWLRIMN
VPAALEARGYAHEVGEFSTVLEVSDGGRFALKIGDGRARCTPTDAAAEIEMDRDVLGSLYLGAHRASTLAAANRLRTKDS
QLLRRLDAAFASDVPVQTAFEF
;
_entity_poly.pdbx_strand_id   A
#
# COMPACT_ATOMS: atom_id res chain seq x y z
N VAL A 23 -23.41 26.40 -0.53
CA VAL A 23 -22.35 25.36 -0.43
C VAL A 23 -21.23 25.64 -1.45
N THR A 24 -20.04 26.00 -0.95
CA THR A 24 -18.91 26.33 -1.82
C THR A 24 -17.66 25.50 -1.48
N LEU A 25 -16.79 25.32 -2.48
CA LEU A 25 -15.60 24.48 -2.36
C LEU A 25 -14.33 25.31 -2.48
N CYS A 26 -13.41 25.20 -1.53
CA CYS A 26 -12.17 25.98 -1.56
C CYS A 26 -11.04 25.41 -0.71
N SER A 27 -9.85 25.98 -0.84
CA SER A 27 -8.69 25.55 -0.06
C SER A 27 -8.83 26.10 1.36
N PRO A 28 -8.57 25.26 2.38
CA PRO A 28 -8.74 25.73 3.75
C PRO A 28 -7.69 26.74 4.20
N THR A 29 -8.11 27.67 5.06
CA THR A 29 -7.21 28.58 5.76
C THR A 29 -6.89 27.95 7.10
N GLU A 30 -5.94 28.53 7.82
CA GLU A 30 -5.56 28.02 9.13
C GLU A 30 -6.77 27.92 10.08
N ASP A 31 -7.71 28.85 9.94
CA ASP A 31 -8.92 28.88 10.77
C ASP A 31 -9.89 27.73 10.51
N ASP A 32 -9.74 27.04 9.38
CA ASP A 32 -10.61 25.93 9.03
C ASP A 32 -10.22 24.61 9.71
N TRP A 33 -8.98 24.51 10.20
CA TRP A 33 -8.46 23.22 10.71
C TRP A 33 -9.12 22.68 11.98
N PRO A 34 -9.47 23.54 12.94
CA PRO A 34 -10.26 23.03 14.08
C PRO A 34 -11.58 22.36 13.64
N GLY A 35 -12.31 22.99 12.72
CA GLY A 35 -13.51 22.39 12.13
C GLY A 35 -13.25 21.10 11.36
N MET A 36 -12.11 21.03 10.68
CA MET A 36 -11.70 19.80 9.98
C MET A 36 -11.41 18.67 10.96
N PHE A 37 -10.68 18.98 12.04
CA PHE A 37 -10.43 17.99 13.11
C PHE A 37 -11.72 17.49 13.79
N LEU A 38 -12.72 18.36 13.93
CA LEU A 38 -14.01 17.97 14.47
C LEU A 38 -14.68 16.96 13.53
N LEU A 39 -14.76 17.30 12.24
CA LEU A 39 -15.32 16.39 11.24
C LEU A 39 -14.57 15.06 11.24
N ALA A 40 -13.25 15.12 11.34
CA ALA A 40 -12.40 13.92 11.34
C ALA A 40 -12.68 13.03 12.56
N ALA A 41 -12.72 13.64 13.73
CA ALA A 41 -12.98 12.91 14.97
C ALA A 41 -14.33 12.18 14.93
N ALA A 42 -15.32 12.79 14.28
CA ALA A 42 -16.65 12.18 14.14
C ALA A 42 -16.77 11.21 12.97
N SER A 43 -15.78 11.17 12.08
CA SER A 43 -15.87 10.36 10.86
C SER A 43 -14.95 9.13 10.91
N PHE A 44 -13.79 9.27 11.54
CA PHE A 44 -12.83 8.17 11.62
C PHE A 44 -12.68 7.69 13.05
N THR A 45 -13.16 6.47 13.33
CA THR A 45 -13.03 5.88 14.67
C THR A 45 -11.56 5.73 15.03
N ASP A 46 -10.73 5.49 14.03
CA ASP A 46 -9.28 5.44 14.21
C ASP A 46 -8.61 6.81 13.98
N PHE A 47 -9.31 7.90 14.31
CA PHE A 47 -8.77 9.24 14.07
C PHE A 47 -7.55 9.44 14.96
N ILE A 48 -6.42 9.71 14.32
CA ILE A 48 -5.13 9.78 15.02
C ILE A 48 -4.99 10.97 15.98
N GLY A 49 -5.89 11.95 15.90
CA GLY A 49 -5.91 13.06 16.84
C GLY A 49 -5.19 14.28 16.29
N PRO A 50 -5.44 15.47 16.90
CA PRO A 50 -4.90 16.74 16.40
C PRO A 50 -3.39 16.78 16.23
N GLU A 51 -2.66 16.27 17.21
CA GLU A 51 -1.19 16.36 17.19
C GLU A 51 -0.58 15.54 16.06
N SER A 52 -1.07 14.31 15.91
CA SER A 52 -0.60 13.43 14.84
C SER A 52 -1.06 13.94 13.48
N ALA A 53 -2.31 14.37 13.38
CA ALA A 53 -2.83 14.99 12.16
C ALA A 53 -1.95 16.15 11.71
N THR A 54 -1.52 16.96 12.67
CA THR A 54 -0.65 18.09 12.41
C THR A 54 0.72 17.65 11.86
N ALA A 55 1.25 16.54 12.37
CA ALA A 55 2.52 16.02 11.86
C ALA A 55 2.39 15.54 10.41
N TRP A 56 1.37 14.72 10.13
CA TRP A 56 1.10 14.27 8.76
C TRP A 56 0.83 15.44 7.81
N ARG A 57 0.29 16.54 8.35
CA ARG A 57 0.02 17.73 7.57
C ARG A 57 1.28 18.27 6.87
N THR A 58 2.45 18.08 7.48
CA THR A 58 3.72 18.50 6.87
C THR A 58 3.96 17.85 5.48
N LEU A 59 3.25 16.76 5.16
CA LEU A 59 3.35 16.13 3.84
C LEU A 59 2.30 16.63 2.83
N VAL A 60 1.41 17.51 3.26
CA VAL A 60 0.38 18.06 2.39
C VAL A 60 0.92 19.32 1.72
N PRO A 61 0.99 19.33 0.38
CA PRO A 61 1.50 20.54 -0.26
C PRO A 61 0.53 21.70 -0.17
N THR A 62 1.06 22.91 -0.33
CA THR A 62 0.23 24.09 -0.54
C THR A 62 -0.79 23.78 -1.62
N ASP A 63 -2.05 24.07 -1.35
CA ASP A 63 -3.14 23.75 -2.28
C ASP A 63 -3.40 22.23 -2.46
N GLY A 64 -2.93 21.41 -1.52
CA GLY A 64 -3.20 19.98 -1.52
C GLY A 64 -4.50 19.58 -0.83
N ALA A 65 -5.23 20.56 -0.28
CA ALA A 65 -6.46 20.31 0.48
C ALA A 65 -7.63 21.14 -0.04
N VAL A 66 -8.82 20.55 0.03
CA VAL A 66 -10.07 21.25 -0.22
C VAL A 66 -11.05 21.03 0.94
N VAL A 67 -11.89 22.03 1.19
CA VAL A 67 -12.98 21.94 2.16
C VAL A 67 -14.25 22.45 1.56
N VAL A 68 -15.36 22.01 2.13
CA VAL A 68 -16.67 22.49 1.76
C VAL A 68 -17.32 23.08 3.00
N ARG A 69 -17.65 24.36 2.96
CA ARG A 69 -18.34 25.04 4.06
C ARG A 69 -19.83 25.13 3.77
N ASP A 70 -20.64 25.14 4.82
CA ASP A 70 -22.09 25.23 4.68
C ASP A 70 -22.48 26.69 4.41
N GLY A 71 -22.99 26.94 3.21
CA GLY A 71 -23.36 28.28 2.77
C GLY A 71 -22.55 28.71 1.56
N SER A 76 -19.21 29.68 9.48
CA SER A 76 -19.86 28.48 8.97
C SER A 76 -18.93 27.27 9.09
N GLU A 77 -19.49 26.13 9.50
CA GLU A 77 -18.71 24.91 9.73
C GLU A 77 -18.37 24.18 8.43
N VAL A 78 -17.30 23.39 8.49
CA VAL A 78 -16.88 22.54 7.39
C VAL A 78 -17.70 21.25 7.38
N VAL A 79 -18.28 20.96 6.22
CA VAL A 79 -19.15 19.78 6.05
C VAL A 79 -18.56 18.77 5.07
N GLY A 80 -17.40 19.08 4.50
CA GLY A 80 -16.68 18.18 3.63
C GLY A 80 -15.20 18.56 3.57
N MET A 81 -14.35 17.55 3.42
CA MET A 81 -12.92 17.80 3.25
C MET A 81 -12.24 16.63 2.56
N ALA A 82 -11.11 16.94 1.95
CA ALA A 82 -10.26 15.95 1.32
C ALA A 82 -8.91 16.58 1.03
N LEU A 83 -7.87 15.75 1.04
CA LEU A 83 -6.53 16.22 0.72
C LEU A 83 -5.68 15.11 0.14
N TYR A 84 -4.52 15.50 -0.37
CA TYR A 84 -3.52 14.52 -0.77
C TYR A 84 -2.16 14.92 -0.21
N MET A 85 -1.34 13.91 0.01
CA MET A 85 0.02 14.10 0.48
C MET A 85 0.99 13.75 -0.63
N ASP A 86 2.16 14.38 -0.57
CA ASP A 86 3.23 14.09 -1.52
C ASP A 86 3.96 12.83 -1.11
N LEU A 87 3.80 11.76 -1.89
CA LEU A 87 4.46 10.47 -1.60
C LEU A 87 5.37 10.03 -2.75
N ARG A 88 6.19 9.02 -2.45
CA ARG A 88 7.08 8.39 -3.41
C ARG A 88 6.84 6.90 -3.38
N LEU A 89 6.32 6.40 -4.49
CA LEU A 89 5.90 5.02 -4.62
C LEU A 89 6.86 4.27 -5.52
N THR A 90 7.32 3.12 -5.06
CA THR A 90 8.13 2.25 -5.88
C THR A 90 7.21 1.34 -6.70
N VAL A 91 7.53 1.22 -7.99
CA VAL A 91 6.78 0.34 -8.91
C VAL A 91 7.77 -0.66 -9.51
N PRO A 92 7.27 -1.69 -10.22
CA PRO A 92 8.21 -2.71 -10.72
C PRO A 92 9.35 -2.13 -11.57
N GLY A 93 10.52 -2.76 -11.45
CA GLY A 93 11.75 -2.23 -12.04
C GLY A 93 12.45 -1.26 -11.12
N GLU A 94 12.02 -1.20 -9.85
CA GLU A 94 12.60 -0.31 -8.83
C GLU A 94 12.57 1.16 -9.24
N VAL A 95 11.52 1.55 -9.95
CA VAL A 95 11.32 2.91 -10.37
C VAL A 95 10.45 3.59 -9.30
N VAL A 96 10.81 4.80 -8.91
CA VAL A 96 10.10 5.55 -7.90
C VAL A 96 9.33 6.70 -8.54
N LEU A 97 8.02 6.71 -8.35
CA LEU A 97 7.13 7.72 -8.95
C LEU A 97 6.59 8.68 -7.91
N PRO A 98 6.57 10.00 -8.23
CA PRO A 98 5.83 10.91 -7.36
C PRO A 98 4.37 10.51 -7.37
N THR A 99 3.76 10.47 -6.19
CA THR A 99 2.44 9.89 -6.05
C THR A 99 1.63 10.77 -5.12
N ALA A 100 0.42 11.11 -5.55
CA ALA A 100 -0.50 11.90 -4.70
C ALA A 100 -1.32 10.95 -3.85
N GLY A 101 -1.09 10.98 -2.54
CA GLY A 101 -1.78 10.07 -1.62
C GLY A 101 -3.01 10.70 -1.01
N LEU A 102 -4.19 10.34 -1.52
CA LEU A 102 -5.44 10.88 -0.98
C LEU A 102 -5.64 10.37 0.44
N SER A 103 -6.12 11.24 1.32
CA SER A 103 -6.42 10.90 2.71
C SER A 103 -7.29 11.98 3.35
N PHE A 104 -7.75 11.69 4.56
CA PHE A 104 -8.52 12.66 5.34
C PHE A 104 -9.78 13.08 4.57
N VAL A 105 -10.40 12.11 3.90
CA VAL A 105 -11.59 12.35 3.09
C VAL A 105 -12.82 12.07 3.94
N ALA A 106 -13.71 13.06 4.04
CA ALA A 106 -14.89 12.93 4.88
C ALA A 106 -16.00 13.88 4.43
N VAL A 107 -17.23 13.39 4.51
CA VAL A 107 -18.41 14.20 4.31
C VAL A 107 -19.25 14.09 5.59
N ALA A 108 -19.78 15.20 6.06
CA ALA A 108 -20.55 15.23 7.29
C ALA A 108 -21.80 14.36 7.16
N PRO A 109 -22.18 13.69 8.26
CA PRO A 109 -23.35 12.81 8.24
C PRO A 109 -24.62 13.58 7.96
N THR A 110 -24.58 14.89 8.15
CA THR A 110 -25.67 15.80 7.86
C THR A 110 -25.80 16.20 6.39
N HIS A 111 -24.75 15.95 5.58
CA HIS A 111 -24.72 16.39 4.19
C HIS A 111 -24.45 15.27 3.20
N ARG A 112 -24.93 14.07 3.51
CA ARG A 112 -24.79 12.93 2.62
C ARG A 112 -25.65 13.11 1.38
N ARG A 113 -25.33 12.35 0.32
CA ARG A 113 -26.13 12.28 -0.91
C ARG A 113 -26.32 13.64 -1.61
N ARG A 114 -25.37 14.54 -1.42
CA ARG A 114 -25.45 15.89 -1.97
C ARG A 114 -24.37 16.12 -3.02
N GLY A 115 -23.66 15.06 -3.40
CA GLY A 115 -22.62 15.15 -4.42
C GLY A 115 -21.31 15.75 -3.95
N LEU A 116 -21.10 15.85 -2.64
CA LEU A 116 -19.91 16.52 -2.09
C LEU A 116 -18.62 15.76 -2.37
N LEU A 117 -18.64 14.45 -2.19
CA LEU A 117 -17.46 13.64 -2.46
C LEU A 117 -17.05 13.78 -3.94
N ARG A 118 -18.00 13.63 -4.85
CA ARG A 118 -17.73 13.74 -6.27
C ARG A 118 -17.12 15.10 -6.62
N ALA A 119 -17.66 16.18 -6.07
CA ALA A 119 -17.12 17.52 -6.27
C ALA A 119 -15.70 17.66 -5.71
N MET A 120 -15.46 17.13 -4.52
CA MET A 120 -14.13 17.23 -3.91
C MET A 120 -13.08 16.41 -4.66
N CYS A 121 -13.45 15.20 -5.09
CA CYS A 121 -12.53 14.33 -5.81
C CYS A 121 -12.18 14.92 -7.18
N ALA A 122 -13.18 15.49 -7.85
CA ALA A 122 -12.96 16.11 -9.16
C ALA A 122 -11.98 17.27 -9.05
N GLU A 123 -12.15 18.11 -8.04
CA GLU A 123 -11.26 19.26 -7.83
C GLU A 123 -9.84 18.80 -7.54
N LEU A 124 -9.69 17.82 -6.63
CA LEU A 124 -8.36 17.32 -6.29
C LEU A 124 -7.66 16.66 -7.46
N HIS A 125 -8.38 15.82 -8.20
CA HIS A 125 -7.81 15.18 -9.40
C HIS A 125 -7.32 16.19 -10.46
N ARG A 126 -8.08 17.27 -10.64
CA ARG A 126 -7.66 18.36 -11.53
C ARG A 126 -6.33 18.94 -11.04
N ARG A 127 -6.25 19.27 -9.75
CA ARG A 127 -5.02 19.81 -9.17
C ARG A 127 -3.86 18.83 -9.22
N ILE A 128 -4.15 17.55 -9.01
CA ILE A 128 -3.12 16.50 -9.01
C ILE A 128 -2.56 16.32 -10.42
N ALA A 129 -3.46 16.20 -11.40
CA ALA A 129 -3.07 16.12 -12.81
C ALA A 129 -2.29 17.35 -13.27
N ASP A 130 -2.78 18.56 -12.96
CA ASP A 130 -2.09 19.80 -13.33
C ASP A 130 -0.74 19.96 -12.67
N SER A 131 -0.58 19.40 -11.47
CA SER A 131 0.68 19.46 -10.75
C SER A 131 1.74 18.50 -11.32
N GLY A 132 1.33 17.53 -12.13
CA GLY A 132 2.27 16.60 -12.78
C GLY A 132 2.47 15.25 -12.13
N TYR A 133 1.55 14.83 -11.27
CA TYR A 133 1.61 13.48 -10.71
C TYR A 133 1.13 12.48 -11.76
N PRO A 134 1.90 11.41 -12.02
CA PRO A 134 1.42 10.37 -12.94
C PRO A 134 0.41 9.43 -12.30
N VAL A 135 0.44 9.32 -10.98
CA VAL A 135 -0.48 8.43 -10.26
C VAL A 135 -0.96 9.06 -8.95
N ALA A 136 -2.17 8.68 -8.56
CA ALA A 136 -2.71 8.98 -7.24
C ALA A 136 -2.99 7.65 -6.54
N ALA A 137 -3.02 7.68 -5.22
CA ALA A 137 -3.24 6.46 -4.42
C ALA A 137 -3.98 6.72 -3.11
N LEU A 138 -4.61 5.66 -2.59
CA LEU A 138 -5.33 5.73 -1.32
C LEU A 138 -5.55 4.34 -0.70
N HIS A 139 -5.94 4.35 0.58
CA HIS A 139 -6.48 3.18 1.27
C HIS A 139 -7.97 3.40 1.46
N ALA A 140 -8.78 2.40 1.09
CA ALA A 140 -10.22 2.57 1.02
C ALA A 140 -10.92 2.16 2.31
N SER A 141 -11.76 3.06 2.83
CA SER A 141 -12.59 2.77 4.00
C SER A 141 -13.63 1.69 3.67
N GLU A 142 -14.17 1.73 2.47
CA GLU A 142 -15.04 0.66 1.97
C GLU A 142 -14.63 0.35 0.52
N GLY A 143 -14.91 -0.88 0.08
CA GLY A 143 -14.47 -1.33 -1.23
C GLY A 143 -15.32 -0.89 -2.43
N GLY A 144 -16.48 -0.30 -2.19
CA GLY A 144 -17.43 0.02 -3.29
C GLY A 144 -17.48 1.48 -3.70
N ILE A 145 -16.63 2.31 -3.11
CA ILE A 145 -16.69 3.75 -3.30
C ILE A 145 -15.79 4.27 -4.43
N TYR A 146 -14.53 3.82 -4.50
CA TYR A 146 -13.51 4.51 -5.28
C TYR A 146 -13.28 4.02 -6.73
N GLY A 147 -13.83 2.86 -7.08
CA GLY A 147 -13.76 2.35 -8.47
C GLY A 147 -14.34 3.31 -9.50
N ARG A 148 -15.46 3.95 -9.15
CA ARG A 148 -16.11 4.90 -10.05
C ARG A 148 -15.31 6.19 -10.26
N PHE A 149 -14.39 6.51 -9.36
CA PHE A 149 -13.45 7.63 -9.54
C PHE A 149 -12.09 7.24 -10.13
N GLY A 150 -12.01 6.03 -10.68
CA GLY A 150 -10.82 5.57 -11.38
C GLY A 150 -9.77 4.82 -10.58
N TYR A 151 -10.04 4.51 -9.30
CA TYR A 151 -9.08 3.78 -8.46
C TYR A 151 -9.35 2.28 -8.48
N GLY A 152 -8.28 1.50 -8.67
CA GLY A 152 -8.38 0.04 -8.61
C GLY A 152 -7.48 -0.49 -7.51
N PRO A 153 -7.94 -1.55 -6.80
CA PRO A 153 -7.08 -2.12 -5.76
C PRO A 153 -5.84 -2.74 -6.38
N ALA A 154 -4.66 -2.38 -5.87
CA ALA A 154 -3.38 -2.72 -6.52
C ALA A 154 -2.40 -3.54 -5.68
N THR A 155 -2.68 -3.68 -4.37
CA THR A 155 -1.95 -4.57 -3.48
C THR A 155 -2.95 -5.34 -2.65
N THR A 156 -2.52 -6.49 -2.14
CA THR A 156 -3.39 -7.38 -1.39
C THR A 156 -2.80 -7.66 -0.01
N LEU A 157 -3.59 -7.38 1.03
CA LEU A 157 -3.20 -7.68 2.40
C LEU A 157 -3.65 -9.08 2.77
N HIS A 158 -2.74 -9.79 3.44
CA HIS A 158 -2.94 -11.18 3.79
C HIS A 158 -2.54 -11.32 5.26
N GLU A 159 -3.49 -11.60 6.14
CA GLU A 159 -3.15 -11.89 7.53
C GLU A 159 -2.85 -13.37 7.72
N LEU A 160 -1.65 -13.63 8.22
CA LEU A 160 -1.25 -14.97 8.65
C LEU A 160 -1.27 -15.03 10.17
N THR A 161 -1.85 -16.09 10.70
CA THR A 161 -1.84 -16.39 12.12
C THR A 161 -1.16 -17.75 12.32
N VAL A 162 -0.03 -17.74 13.02
CA VAL A 162 0.76 -18.95 13.25
C VAL A 162 0.51 -19.49 14.67
N ASP A 163 0.04 -20.73 14.78
CA ASP A 163 0.01 -21.41 16.07
C ASP A 163 1.43 -21.88 16.37
N ARG A 164 2.18 -21.03 17.07
CA ARG A 164 3.60 -21.25 17.28
C ARG A 164 3.95 -22.45 18.16
N ARG A 165 2.98 -22.99 18.88
CA ARG A 165 3.25 -24.15 19.75
C ARG A 165 3.61 -25.40 18.96
N PHE A 166 3.11 -25.51 17.73
CA PHE A 166 3.44 -26.62 16.85
C PHE A 166 4.53 -26.31 15.83
N ALA A 167 4.91 -25.04 15.75
CA ALA A 167 5.75 -24.57 14.65
C ALA A 167 7.16 -25.12 14.78
N ARG A 168 7.59 -25.81 13.73
CA ARG A 168 8.94 -26.35 13.66
C ARG A 168 9.50 -26.00 12.29
N PHE A 169 10.74 -25.53 12.26
CA PHE A 169 11.37 -25.14 11.01
C PHE A 169 11.83 -26.33 10.18
N HIS A 170 11.73 -26.17 8.86
CA HIS A 170 12.18 -27.18 7.91
C HIS A 170 13.70 -27.27 7.97
N ALA A 171 14.24 -28.46 7.71
CA ALA A 171 15.69 -28.68 7.65
C ALA A 171 16.39 -27.72 6.68
N ASP A 172 15.71 -27.33 5.61
CA ASP A 172 16.25 -26.43 4.58
C ASP A 172 16.30 -24.97 5.00
N ALA A 173 15.49 -24.59 5.99
CA ALA A 173 15.36 -23.17 6.37
C ALA A 173 16.70 -22.56 6.76
N PRO A 174 16.97 -21.30 6.35
CA PRO A 174 18.23 -20.64 6.73
C PRO A 174 18.39 -20.41 8.24
N GLY A 175 19.64 -20.35 8.70
CA GLY A 175 19.96 -19.96 10.08
C GLY A 175 19.63 -20.99 11.16
N GLY A 176 19.79 -22.27 10.83
CA GLY A 176 19.51 -23.37 11.76
C GLY A 176 20.73 -23.95 12.46
N GLY A 177 21.93 -23.57 12.01
CA GLY A 177 23.18 -24.13 12.54
C GLY A 177 23.52 -23.67 13.94
N LEU A 178 24.58 -24.27 14.49
CA LEU A 178 25.02 -23.99 15.86
C LEU A 178 25.66 -22.61 16.01
N GLY A 179 25.90 -22.20 17.27
CA GLY A 179 26.50 -20.91 17.58
C GLY A 179 25.49 -19.88 18.05
N GLY A 180 25.86 -18.61 17.97
CA GLY A 180 25.03 -17.51 18.43
C GLY A 180 23.95 -17.09 17.44
N SER A 181 22.92 -16.42 17.95
CA SER A 181 21.86 -15.88 17.09
C SER A 181 22.26 -14.52 16.54
N SER A 182 21.73 -14.20 15.37
CA SER A 182 22.00 -12.95 14.69
C SER A 182 20.94 -11.88 15.02
N VAL A 183 19.88 -12.27 15.73
CA VAL A 183 18.78 -11.35 16.05
C VAL A 183 18.92 -10.87 17.49
N ARG A 184 18.61 -9.60 17.72
CA ARG A 184 18.60 -9.03 19.08
C ARG A 184 17.23 -8.48 19.46
N LEU A 185 16.84 -8.70 20.71
CA LEU A 185 15.61 -8.15 21.27
C LEU A 185 15.93 -6.76 21.79
N VAL A 186 15.31 -5.72 21.24
CA VAL A 186 15.67 -4.34 21.62
C VAL A 186 14.46 -3.45 21.83
N ARG A 187 14.70 -2.30 22.47
CA ARG A 187 13.70 -1.24 22.59
C ARG A 187 13.68 -0.45 21.29
N PRO A 188 12.50 -0.29 20.66
CA PRO A 188 12.39 0.42 19.38
C PRO A 188 13.03 1.81 19.37
N THR A 189 12.77 2.63 20.38
CA THR A 189 13.27 4.02 20.43
C THR A 189 14.80 4.13 20.46
N GLU A 190 15.51 3.09 20.87
CA GLU A 190 16.97 3.13 20.96
C GLU A 190 17.68 2.70 19.68
N HIS A 191 16.93 2.28 18.66
CA HIS A 191 17.54 1.80 17.42
C HIS A 191 16.81 2.33 16.18
N ARG A 192 16.39 3.59 16.26
CA ARG A 192 15.67 4.26 15.19
C ARG A 192 16.47 4.28 13.89
N GLY A 193 17.73 4.68 13.99
CA GLY A 193 18.62 4.77 12.82
C GLY A 193 18.73 3.46 12.05
N GLU A 194 18.82 2.36 12.77
CA GLU A 194 18.94 1.05 12.13
C GLU A 194 17.64 0.63 11.43
N PHE A 195 16.50 0.89 12.06
CA PHE A 195 15.20 0.64 11.41
C PHE A 195 15.03 1.50 10.15
N GLU A 196 15.36 2.79 10.26
CA GLU A 196 15.29 3.72 9.12
C GLU A 196 16.06 3.22 7.91
N ALA A 197 17.32 2.84 8.15
CA ALA A 197 18.20 2.39 7.08
C ALA A 197 17.72 1.08 6.46
N ILE A 198 17.27 0.14 7.29
CA ILE A 198 16.72 -1.12 6.77
C ILE A 198 15.47 -0.88 5.94
N TYR A 199 14.58 -0.01 6.42
CA TYR A 199 13.32 0.28 5.74
C TYR A 199 13.55 0.96 4.40
N GLU A 200 14.48 1.93 4.39
CA GLU A 200 14.88 2.62 3.17
C GLU A 200 15.38 1.65 2.10
N ARG A 201 16.14 0.64 2.50
CA ARG A 201 16.58 -0.39 1.56
C ARG A 201 15.40 -1.19 1.02
N TRP A 202 14.54 -1.63 1.93
CA TRP A 202 13.35 -2.40 1.57
C TRP A 202 12.46 -1.66 0.56
N ARG A 203 12.18 -0.39 0.83
CA ARG A 203 11.15 0.33 0.07
C ARG A 203 11.58 0.64 -1.37
N GLN A 204 12.89 0.79 -1.56
CA GLN A 204 13.47 1.04 -2.89
C GLN A 204 13.49 -0.19 -3.80
N GLN A 205 13.40 -1.38 -3.22
CA GLN A 205 13.47 -2.59 -4.03
C GLN A 205 12.15 -3.35 -4.14
N VAL A 206 11.10 -2.88 -3.48
CA VAL A 206 9.84 -3.60 -3.45
C VAL A 206 8.71 -2.75 -4.06
N PRO A 207 8.02 -3.27 -5.09
CA PRO A 207 6.83 -2.59 -5.58
C PRO A 207 5.78 -2.43 -4.47
N GLY A 208 5.23 -1.23 -4.34
CA GLY A 208 4.39 -0.86 -3.22
C GLY A 208 5.11 -0.10 -2.12
N GLY A 209 6.44 -0.07 -2.17
CA GLY A 209 7.22 0.63 -1.16
C GLY A 209 6.95 2.12 -1.19
N LEU A 210 6.91 2.73 0.00
CA LEU A 210 6.77 4.16 0.14
C LEU A 210 7.92 4.70 0.95
N LEU A 211 8.46 5.85 0.53
CA LEU A 211 9.45 6.58 1.33
C LEU A 211 8.75 6.97 2.64
N ARG A 212 9.41 6.74 3.77
CA ARG A 212 8.87 7.14 5.07
C ARG A 212 9.69 8.31 5.59
N PRO A 213 9.15 9.54 5.51
CA PRO A 213 9.91 10.71 5.99
C PRO A 213 10.05 10.76 7.51
N GLN A 214 10.91 11.66 7.97
CA GLN A 214 11.23 11.78 9.39
C GLN A 214 10.00 11.86 10.29
N VAL A 215 9.02 12.69 9.90
CA VAL A 215 7.81 12.83 10.72
C VAL A 215 7.05 11.51 10.92
N LEU A 216 7.07 10.62 9.93
CA LEU A 216 6.35 9.34 10.04
C LEU A 216 7.08 8.35 10.94
N TRP A 217 8.40 8.43 10.98
CA TRP A 217 9.19 7.72 11.98
C TRP A 217 8.93 8.27 13.40
N ASP A 218 8.73 9.58 13.56
CA ASP A 218 8.33 10.15 14.86
C ASP A 218 7.00 9.52 15.30
N GLU A 219 6.04 9.48 14.38
CA GLU A 219 4.73 8.91 14.67
C GLU A 219 4.80 7.42 14.99
N LEU A 220 5.57 6.66 14.20
CA LEU A 220 5.67 5.22 14.40
C LEU A 220 6.21 4.88 15.78
N LEU A 221 7.30 5.54 16.17
CA LEU A 221 7.92 5.29 17.47
C LEU A 221 7.06 5.76 18.64
N ALA A 222 6.24 6.77 18.41
CA ALA A 222 5.27 7.23 19.40
C ALA A 222 4.18 6.16 19.64
N GLU A 223 3.76 5.50 18.57
CA GLU A 223 2.81 4.37 18.68
C GLU A 223 3.41 3.16 19.39
N ALA A 224 4.74 3.09 19.46
CA ALA A 224 5.45 1.95 20.07
C ALA A 224 5.28 1.89 21.59
N LYS A 225 5.14 3.05 22.24
CA LYS A 225 4.99 3.08 23.70
C LYS A 225 3.61 2.63 24.16
N ALA A 226 3.54 2.14 25.39
CA ALA A 226 2.28 1.69 25.98
C ALA A 226 1.36 2.87 26.27
N ALA A 227 0.06 2.61 26.29
CA ALA A 227 -0.94 3.62 26.62
C ALA A 227 -1.83 3.12 27.76
N PRO A 228 -2.09 4.00 28.75
CA PRO A 228 -2.96 3.57 29.86
C PRO A 228 -4.38 3.27 29.39
N GLY A 229 -4.80 2.02 29.51
CA GLY A 229 -6.08 1.57 28.98
C GLY A 229 -6.07 1.27 27.49
N GLY A 230 -4.88 1.31 26.87
CA GLY A 230 -4.74 1.13 25.43
C GLY A 230 -3.77 0.04 25.07
N ASP A 231 -3.01 0.27 24.00
CA ASP A 231 -2.03 -0.69 23.53
C ASP A 231 -0.91 -0.93 24.54
N ARG A 232 -0.34 -2.13 24.50
CA ARG A 232 0.76 -2.49 25.36
C ARG A 232 2.05 -2.02 24.70
N GLU A 233 3.15 -2.11 25.43
CA GLU A 233 4.45 -1.68 24.94
C GLU A 233 4.90 -2.54 23.74
N SER A 234 5.59 -1.93 22.79
CA SER A 234 6.12 -2.63 21.63
C SER A 234 7.58 -2.97 21.84
N PHE A 235 7.99 -4.12 21.31
CA PHE A 235 9.39 -4.49 21.29
C PHE A 235 9.84 -4.71 19.86
N ALA A 236 11.15 -4.78 19.65
CA ALA A 236 11.69 -5.04 18.32
C ALA A 236 12.65 -6.20 18.32
N LEU A 237 12.68 -6.91 17.21
CA LEU A 237 13.69 -7.90 16.92
C LEU A 237 14.50 -7.35 15.75
N LEU A 238 15.81 -7.20 15.97
CA LEU A 238 16.69 -6.50 15.05
C LEU A 238 17.79 -7.41 14.51
N HIS A 239 17.86 -7.46 13.18
CA HIS A 239 18.87 -8.19 12.41
C HIS A 239 19.60 -7.14 11.56
N PRO A 240 20.86 -7.40 11.16
CA PRO A 240 21.52 -6.41 10.28
C PRO A 240 20.73 -6.06 9.00
N ASP A 241 19.97 -7.03 8.49
CA ASP A 241 19.20 -6.90 7.25
C ASP A 241 17.68 -7.05 7.44
N GLY A 242 17.18 -6.73 8.63
CA GLY A 242 15.76 -6.84 8.87
C GLY A 242 15.34 -6.52 10.30
N TYR A 243 14.08 -6.15 10.47
CA TYR A 243 13.52 -5.92 11.80
C TYR A 243 12.06 -6.33 11.85
N ALA A 244 11.58 -6.60 13.05
CA ALA A 244 10.18 -6.82 13.33
C ALA A 244 9.79 -5.98 14.54
N LEU A 245 8.64 -5.31 14.46
CA LEU A 245 8.05 -4.60 15.58
C LEU A 245 6.81 -5.38 15.99
N TYR A 246 6.68 -5.69 17.27
CA TYR A 246 5.53 -6.47 17.73
C TYR A 246 5.08 -6.04 19.11
N ARG A 247 3.87 -6.42 19.45
CA ARG A 247 3.33 -6.21 20.79
C ARG A 247 2.30 -7.28 21.10
N VAL A 248 2.13 -7.58 22.38
CA VAL A 248 1.08 -8.50 22.81
C VAL A 248 -0.26 -7.79 22.64
N ASP A 249 -1.26 -8.53 22.18
CA ASP A 249 -2.61 -7.99 21.99
C ASP A 249 -3.15 -7.51 23.34
N ARG A 250 -3.93 -6.43 23.32
CA ARG A 250 -4.41 -5.82 24.56
C ARG A 250 -5.37 -6.72 25.35
N THR A 251 -6.21 -7.50 24.65
CA THR A 251 -7.19 -8.37 25.32
C THR A 251 -6.78 -9.84 25.31
N ASP A 252 -6.41 -10.34 24.13
CA ASP A 252 -5.91 -11.72 24.00
C ASP A 252 -4.43 -11.75 24.36
N LEU A 253 -4.12 -12.14 25.59
CA LEU A 253 -2.74 -12.09 26.11
C LEU A 253 -1.85 -13.23 25.61
N LYS A 254 -2.41 -14.17 24.85
CA LYS A 254 -1.62 -15.24 24.22
C LYS A 254 -1.41 -14.99 22.72
N LEU A 255 -1.82 -13.81 22.25
CA LEU A 255 -1.58 -13.38 20.87
C LEU A 255 -0.55 -12.25 20.79
N ALA A 256 0.52 -12.45 20.03
CA ALA A 256 1.45 -11.37 19.67
C ALA A 256 1.15 -10.88 18.27
N ARG A 257 0.97 -9.56 18.12
CA ARG A 257 0.72 -8.95 16.82
C ARG A 257 1.97 -8.26 16.27
N VAL A 258 2.46 -8.73 15.13
CA VAL A 258 3.57 -8.10 14.46
C VAL A 258 3.00 -6.95 13.66
N SER A 259 3.33 -5.72 14.04
CA SER A 259 2.78 -4.55 13.35
C SER A 259 3.54 -4.29 12.04
N GLU A 260 4.80 -4.71 11.97
CA GLU A 260 5.66 -4.45 10.83
C GLU A 260 6.88 -5.36 10.84
N LEU A 261 7.14 -6.02 9.72
CA LEU A 261 8.29 -6.86 9.54
C LEU A 261 8.91 -6.50 8.19
N ARG A 262 10.15 -6.01 8.20
CA ARG A 262 10.83 -5.61 6.97
C ARG A 262 12.17 -6.31 6.90
N ALA A 263 12.36 -7.11 5.85
CA ALA A 263 13.56 -7.91 5.68
C ALA A 263 14.01 -7.77 4.23
N VAL A 264 15.32 -7.62 4.06
CA VAL A 264 15.96 -7.38 2.79
C VAL A 264 16.66 -8.65 2.23
N THR A 265 16.86 -9.66 3.08
CA THR A 265 17.39 -10.95 2.64
C THR A 265 16.55 -12.08 3.21
N ALA A 266 16.67 -13.26 2.62
CA ALA A 266 15.96 -14.44 3.10
C ALA A 266 16.47 -14.88 4.47
N ASP A 267 17.78 -14.75 4.69
CA ASP A 267 18.35 -15.06 5.99
C ASP A 267 17.72 -14.21 7.08
N ALA A 268 17.53 -12.92 6.81
CA ALA A 268 16.98 -12.00 7.80
C ALA A 268 15.53 -12.35 8.10
N HIS A 269 14.77 -12.64 7.06
CA HIS A 269 13.36 -13.01 7.20
C HIS A 269 13.19 -14.30 8.04
N CYS A 270 13.96 -15.33 7.72
CA CYS A 270 13.89 -16.57 8.48
C CYS A 270 14.33 -16.37 9.94
N ALA A 271 15.45 -15.67 10.13
CA ALA A 271 15.98 -15.43 11.48
C ALA A 271 14.96 -14.72 12.35
N LEU A 272 14.32 -13.71 11.79
CA LEU A 272 13.30 -12.97 12.53
C LEU A 272 12.13 -13.86 12.92
N TRP A 273 11.71 -14.75 12.02
CA TRP A 273 10.61 -15.68 12.34
C TRP A 273 10.98 -16.78 13.34
N ARG A 274 12.25 -17.23 13.31
CA ARG A 274 12.75 -18.12 14.36
C ARG A 274 12.63 -17.45 15.73
N ALA A 275 13.01 -16.18 15.81
CA ALA A 275 12.89 -15.44 17.07
C ALA A 275 11.42 -15.26 17.47
N LEU A 276 10.55 -14.91 16.54
CA LEU A 276 9.13 -14.72 16.85
C LEU A 276 8.47 -16.01 17.34
N ILE A 277 8.80 -17.13 16.69
CA ILE A 277 8.31 -18.43 17.13
C ILE A 277 8.96 -18.86 18.45
N GLY A 278 10.08 -18.22 18.81
CA GLY A 278 10.63 -18.35 20.15
C GLY A 278 9.92 -17.59 21.27
N LEU A 279 8.83 -16.87 20.97
CA LEU A 279 8.02 -16.24 22.02
C LEU A 279 7.14 -17.27 22.74
N ASP A 280 7.78 -18.05 23.61
CA ASP A 280 7.15 -19.18 24.31
C ASP A 280 5.94 -18.85 25.17
N SER A 281 5.82 -17.61 25.65
CA SER A 281 4.62 -17.21 26.39
C SER A 281 3.38 -17.05 25.50
N MET A 282 3.56 -16.99 24.18
CA MET A 282 2.43 -16.81 23.26
C MET A 282 1.93 -18.14 22.69
N GLU A 283 0.64 -18.19 22.36
CA GLU A 283 0.05 -19.28 21.60
C GLU A 283 0.12 -19.00 20.10
N ARG A 284 -0.15 -17.75 19.73
CA ARG A 284 -0.28 -17.36 18.34
C ARG A 284 0.49 -16.07 18.04
N ILE A 285 1.06 -16.02 16.83
CA ILE A 285 1.70 -14.84 16.27
C ILE A 285 0.93 -14.45 15.01
N SER A 286 0.49 -13.20 14.92
CA SER A 286 -0.23 -12.75 13.71
C SER A 286 0.51 -11.61 13.03
N ILE A 287 0.38 -11.56 11.71
CA ILE A 287 1.01 -10.51 10.91
C ILE A 287 0.15 -10.20 9.70
N ILE A 288 0.07 -8.91 9.35
CA ILE A 288 -0.51 -8.51 8.08
C ILE A 288 0.63 -8.44 7.07
N THR A 289 0.58 -9.35 6.09
CA THR A 289 1.66 -9.51 5.13
C THR A 289 1.07 -9.56 3.71
N HIS A 290 1.76 -10.20 2.77
CA HIS A 290 1.30 -10.29 1.38
C HIS A 290 1.15 -11.76 0.95
N PRO A 291 0.46 -12.02 -0.17
CA PRO A 291 0.15 -13.43 -0.52
C PRO A 291 1.35 -14.31 -0.86
N GLN A 292 2.49 -13.70 -1.19
CA GLN A 292 3.71 -14.43 -1.50
C GLN A 292 4.73 -14.48 -0.35
N ASP A 293 4.29 -14.22 0.88
CA ASP A 293 5.17 -14.35 2.04
C ASP A 293 5.64 -15.80 2.11
N PRO A 294 6.96 -16.03 2.14
CA PRO A 294 7.47 -17.42 2.17
C PRO A 294 7.32 -18.14 3.52
N LEU A 295 6.86 -17.45 4.56
CA LEU A 295 6.70 -18.05 5.90
C LEU A 295 6.14 -19.48 5.91
N PRO A 296 5.01 -19.75 5.23
CA PRO A 296 4.48 -21.12 5.30
C PRO A 296 5.49 -22.21 4.93
N HIS A 297 6.36 -21.90 3.97
CA HIS A 297 7.35 -22.87 3.45
C HIS A 297 8.59 -23.01 4.33
N LEU A 298 8.75 -22.10 5.30
CA LEU A 298 9.79 -22.21 6.32
C LEU A 298 9.52 -23.31 7.33
N LEU A 299 8.26 -23.72 7.47
CA LEU A 299 7.82 -24.66 8.48
C LEU A 299 7.62 -26.05 7.89
N THR A 300 7.72 -27.08 8.73
CA THR A 300 7.51 -28.47 8.32
C THR A 300 6.03 -28.73 8.05
N ASP A 301 5.15 -27.96 8.69
CA ASP A 301 3.72 -27.98 8.41
C ASP A 301 3.26 -26.61 7.90
N THR A 302 3.07 -26.48 6.59
CA THR A 302 2.70 -25.21 5.97
C THR A 302 1.33 -24.69 6.40
N ARG A 303 0.48 -25.62 6.81
CA ARG A 303 -0.87 -25.31 7.27
C ARG A 303 -0.90 -24.50 8.57
N LEU A 304 0.16 -24.59 9.38
CA LEU A 304 0.23 -23.82 10.63
C LEU A 304 0.20 -22.31 10.42
N ALA A 305 0.64 -21.85 9.25
CA ALA A 305 0.54 -20.44 8.88
C ALA A 305 -0.83 -20.21 8.24
N ARG A 306 -1.84 -20.01 9.08
CA ARG A 306 -3.23 -19.86 8.64
C ARG A 306 -3.50 -18.46 8.12
N THR A 307 -4.12 -18.38 6.94
CA THR A 307 -4.63 -17.14 6.41
C THR A 307 -5.95 -16.86 7.09
N THR A 308 -5.97 -15.84 7.94
CA THR A 308 -7.14 -15.54 8.75
C THR A 308 -7.91 -14.31 8.25
N TRP A 309 -7.40 -13.65 7.19
CA TRP A 309 -7.96 -12.40 6.71
C TRP A 309 -7.30 -11.98 5.39
N ARG A 310 -8.10 -11.44 4.48
CA ARG A 310 -7.66 -11.08 3.14
C ARG A 310 -8.40 -9.81 2.74
N GLN A 311 -7.67 -8.81 2.26
CA GLN A 311 -8.31 -7.56 1.87
C GLN A 311 -7.43 -6.72 0.92
N ASP A 312 -8.07 -5.86 0.13
CA ASP A 312 -7.36 -4.87 -0.66
C ASP A 312 -6.48 -3.97 0.22
N GLY A 313 -5.30 -3.63 -0.26
CA GLY A 313 -4.42 -2.70 0.44
C GLY A 313 -4.44 -1.34 -0.21
N LEU A 314 -3.40 -1.07 -1.01
CA LEU A 314 -3.28 0.21 -1.70
C LEU A 314 -4.16 0.21 -2.95
N TRP A 315 -4.85 1.33 -3.19
CA TRP A 315 -5.61 1.55 -4.42
C TRP A 315 -4.87 2.58 -5.27
N LEU A 316 -4.93 2.40 -6.58
CA LEU A 316 -4.21 3.25 -7.53
C LEU A 316 -5.14 3.83 -8.59
N ARG A 317 -5.01 5.14 -8.82
CA ARG A 317 -5.58 5.78 -10.01
C ARG A 317 -4.43 6.28 -10.88
N ILE A 318 -4.34 5.74 -12.09
CA ILE A 318 -3.38 6.19 -13.08
C ILE A 318 -3.92 7.52 -13.62
N MET A 319 -3.18 8.61 -13.38
CA MET A 319 -3.58 9.96 -13.82
C MET A 319 -3.19 10.21 -15.28
N ASN A 320 -2.00 9.75 -15.65
CA ASN A 320 -1.46 9.88 -17.00
C ASN A 320 -1.07 8.50 -17.50
N VAL A 321 -1.82 7.96 -18.45
CA VAL A 321 -1.65 6.59 -18.87
C VAL A 321 -0.27 6.34 -19.51
N PRO A 322 0.12 7.15 -20.51
CA PRO A 322 1.43 6.91 -21.12
C PRO A 322 2.63 7.14 -20.20
N ALA A 323 2.55 8.13 -19.31
CA ALA A 323 3.65 8.38 -18.40
C ALA A 323 3.79 7.20 -17.44
N ALA A 324 2.68 6.74 -16.89
CA ALA A 324 2.71 5.60 -15.97
C ALA A 324 3.20 4.32 -16.65
N LEU A 325 2.67 4.03 -17.84
CA LEU A 325 3.02 2.76 -18.50
C LEU A 325 4.48 2.77 -19.00
N GLU A 326 4.98 3.95 -19.39
CA GLU A 326 6.37 4.03 -19.83
C GLU A 326 7.36 3.98 -18.66
N ALA A 327 6.94 4.45 -17.49
CA ALA A 327 7.87 4.58 -16.36
C ALA A 327 8.22 3.22 -15.70
N ARG A 328 7.25 2.32 -15.76
CA ARG A 328 7.32 0.99 -15.17
C ARG A 328 8.26 0.04 -15.93
N GLY A 329 8.95 -0.84 -15.21
CA GLY A 329 9.68 -1.96 -15.82
C GLY A 329 8.76 -3.15 -16.07
N TYR A 330 9.04 -3.91 -17.11
CA TYR A 330 8.22 -5.07 -17.49
C TYR A 330 9.08 -6.33 -17.51
N ALA A 331 8.44 -7.49 -17.45
CA ALA A 331 9.17 -8.76 -17.40
C ALA A 331 9.96 -8.96 -18.69
N HIS A 332 11.25 -9.29 -18.55
CA HIS A 332 12.11 -9.57 -19.71
C HIS A 332 11.80 -10.90 -20.42
N GLU A 333 11.07 -11.79 -19.74
CA GLU A 333 10.85 -13.14 -20.27
C GLU A 333 9.96 -13.13 -21.51
N VAL A 334 8.92 -12.32 -21.49
CA VAL A 334 8.02 -12.21 -22.63
C VAL A 334 8.75 -11.52 -23.80
N GLY A 335 8.51 -12.02 -25.01
CA GLY A 335 9.16 -11.47 -26.19
C GLY A 335 8.45 -10.19 -26.59
N GLU A 336 9.10 -9.38 -27.41
CA GLU A 336 8.54 -8.12 -27.85
C GLU A 336 7.16 -8.33 -28.49
N PHE A 337 6.22 -7.45 -28.16
CA PHE A 337 4.90 -7.45 -28.78
C PHE A 337 4.30 -6.04 -28.74
N SER A 338 3.32 -5.81 -29.63
CA SER A 338 2.65 -4.53 -29.80
C SER A 338 1.15 -4.76 -29.75
N THR A 339 0.42 -3.78 -29.24
CA THR A 339 -1.04 -3.85 -29.22
C THR A 339 -1.61 -2.44 -29.17
N VAL A 340 -2.94 -2.33 -29.17
CA VAL A 340 -3.63 -1.06 -29.01
C VAL A 340 -4.56 -1.15 -27.82
N LEU A 341 -4.31 -0.29 -26.83
CA LEU A 341 -5.07 -0.26 -25.59
C LEU A 341 -5.93 0.98 -25.51
N GLU A 342 -7.22 0.79 -25.28
CA GLU A 342 -8.12 1.89 -24.97
C GLU A 342 -8.49 1.88 -23.48
N VAL A 343 -8.28 3.01 -22.81
CA VAL A 343 -8.82 3.23 -21.48
C VAL A 343 -10.12 4.01 -21.66
N SER A 344 -11.17 3.55 -21.00
CA SER A 344 -12.55 3.92 -21.34
C SER A 344 -12.82 5.41 -21.52
N ASP A 345 -12.21 6.26 -20.71
CA ASP A 345 -12.20 7.69 -21.04
C ASP A 345 -10.79 8.21 -21.32
N GLY A 346 -9.80 7.68 -20.62
CA GLY A 346 -8.44 8.17 -20.66
C GLY A 346 -7.58 7.94 -21.91
N GLY A 347 -8.20 7.75 -23.08
CA GLY A 347 -7.47 7.74 -24.35
C GLY A 347 -7.18 6.38 -24.95
N ARG A 348 -6.66 6.40 -26.19
CA ARG A 348 -6.25 5.17 -26.88
C ARG A 348 -4.79 5.25 -27.29
N PHE A 349 -4.06 4.15 -27.07
CA PHE A 349 -2.61 4.12 -27.23
C PHE A 349 -2.08 2.88 -27.94
N ALA A 350 -1.06 3.09 -28.78
CA ALA A 350 -0.28 2.02 -29.32
C ALA A 350 0.74 1.66 -28.24
N LEU A 351 0.70 0.42 -27.76
CA LEU A 351 1.55 -0.01 -26.65
C LEU A 351 2.51 -1.05 -27.15
N LYS A 352 3.81 -0.74 -27.10
CA LYS A 352 4.84 -1.66 -27.52
C LYS A 352 5.70 -1.99 -26.32
N ILE A 353 5.83 -3.28 -26.03
CA ILE A 353 6.56 -3.76 -24.87
C ILE A 353 7.64 -4.73 -25.32
N GLY A 354 8.88 -4.43 -24.94
CA GLY A 354 10.00 -5.30 -25.30
C GLY A 354 11.23 -4.93 -24.51
N ASP A 355 12.07 -5.93 -24.22
CA ASP A 355 13.29 -5.75 -23.42
C ASP A 355 13.02 -5.08 -22.07
N GLY A 356 11.89 -5.43 -21.46
CA GLY A 356 11.51 -4.91 -20.16
C GLY A 356 11.08 -3.47 -20.12
N ARG A 357 10.80 -2.87 -21.28
CA ARG A 357 10.40 -1.47 -21.38
C ARG A 357 9.18 -1.32 -22.26
N ALA A 358 8.38 -0.30 -22.00
CA ALA A 358 7.22 0.01 -22.83
C ALA A 358 7.37 1.37 -23.50
N ARG A 359 6.89 1.47 -24.74
CA ARG A 359 6.63 2.75 -25.37
C ARG A 359 5.12 2.82 -25.65
N CYS A 360 4.50 3.96 -25.35
CA CYS A 360 3.04 4.08 -25.31
C CYS A 360 2.64 5.43 -25.91
N THR A 361 2.18 5.40 -27.16
CA THR A 361 1.97 6.60 -27.98
C THR A 361 0.51 6.73 -28.45
N PRO A 362 0.04 7.96 -28.72
CA PRO A 362 -1.35 8.12 -29.18
C PRO A 362 -1.65 7.42 -30.50
N THR A 363 -2.87 6.92 -30.66
CA THR A 363 -3.29 6.33 -31.93
C THR A 363 -4.80 6.37 -32.08
N ASP A 364 -5.27 6.36 -33.32
CA ASP A 364 -6.69 6.17 -33.58
C ASP A 364 -6.98 4.81 -34.22
N ALA A 365 -5.96 3.95 -34.29
CA ALA A 365 -6.16 2.59 -34.80
C ALA A 365 -7.11 1.79 -33.91
N ALA A 366 -7.74 0.78 -34.48
CA ALA A 366 -8.73 -0.03 -33.76
C ALA A 366 -8.14 -0.60 -32.48
N ALA A 367 -8.89 -0.54 -31.39
CA ALA A 367 -8.46 -1.08 -30.11
C ALA A 367 -8.46 -2.60 -30.12
N GLU A 368 -7.42 -3.20 -29.52
CA GLU A 368 -7.36 -4.64 -29.31
C GLU A 368 -7.73 -5.01 -27.87
N ILE A 369 -7.50 -4.07 -26.94
CA ILE A 369 -7.87 -4.25 -25.53
C ILE A 369 -8.59 -3.01 -25.05
N GLU A 370 -9.66 -3.20 -24.29
CA GLU A 370 -10.36 -2.09 -23.63
C GLU A 370 -10.52 -2.39 -22.15
N MET A 371 -10.41 -1.34 -21.32
CA MET A 371 -10.66 -1.45 -19.89
C MET A 371 -10.93 -0.07 -19.30
N ASP A 372 -11.66 -0.03 -18.20
CA ASP A 372 -11.81 1.21 -17.43
C ASP A 372 -10.47 1.57 -16.77
N ARG A 373 -10.33 2.83 -16.39
CA ARG A 373 -9.11 3.36 -15.78
C ARG A 373 -8.73 2.62 -14.50
N ASP A 374 -9.72 2.28 -13.68
CA ASP A 374 -9.47 1.57 -12.44
C ASP A 374 -8.83 0.19 -12.66
N VAL A 375 -9.19 -0.47 -13.76
CA VAL A 375 -8.69 -1.80 -14.06
C VAL A 375 -7.19 -1.75 -14.31
N LEU A 376 -6.75 -0.71 -15.01
CA LEU A 376 -5.34 -0.51 -15.27
C LEU A 376 -4.53 -0.33 -13.97
N GLY A 377 -5.09 0.41 -13.02
CA GLY A 377 -4.50 0.54 -11.69
C GLY A 377 -4.30 -0.81 -11.01
N SER A 378 -5.30 -1.68 -11.10
CA SER A 378 -5.22 -3.02 -10.52
C SER A 378 -4.15 -3.92 -11.17
N LEU A 379 -3.91 -3.72 -12.47
CA LEU A 379 -2.82 -4.42 -13.17
C LEU A 379 -1.44 -3.87 -12.86
N TYR A 380 -1.39 -2.57 -12.56
CA TYR A 380 -0.15 -1.80 -12.67
C TYR A 380 1.01 -2.29 -11.82
N LEU A 381 0.75 -2.78 -10.61
CA LEU A 381 1.84 -3.25 -9.74
C LEU A 381 2.02 -4.77 -9.80
N GLY A 382 1.20 -5.46 -10.59
CA GLY A 382 1.30 -6.91 -10.75
C GLY A 382 0.48 -7.75 -9.77
N ALA A 383 -0.37 -7.13 -8.97
CA ALA A 383 -1.16 -7.88 -7.98
C ALA A 383 -2.32 -8.67 -8.60
N HIS A 384 -2.82 -8.21 -9.74
CA HIS A 384 -3.93 -8.87 -10.42
C HIS A 384 -3.55 -9.19 -11.86
N ARG A 385 -3.96 -10.37 -12.31
CA ARG A 385 -3.65 -10.84 -13.66
C ARG A 385 -4.67 -10.31 -14.65
N ALA A 386 -4.19 -9.89 -15.81
CA ALA A 386 -5.07 -9.46 -16.88
C ALA A 386 -6.13 -10.52 -17.23
N SER A 387 -5.73 -11.80 -17.25
CA SER A 387 -6.67 -12.87 -17.63
C SER A 387 -7.77 -13.10 -16.58
N THR A 388 -7.48 -12.79 -15.32
CA THR A 388 -8.50 -12.89 -14.27
C THR A 388 -9.53 -11.78 -14.45
N LEU A 389 -9.07 -10.57 -14.67
CA LEU A 389 -9.93 -9.45 -14.97
C LEU A 389 -10.72 -9.63 -16.28
N ALA A 390 -10.10 -10.23 -17.29
CA ALA A 390 -10.81 -10.57 -18.51
C ALA A 390 -11.96 -11.55 -18.25
N ALA A 391 -11.74 -12.53 -17.37
CA ALA A 391 -12.77 -13.52 -17.05
C ALA A 391 -14.00 -12.89 -16.38
N ALA A 392 -13.81 -11.74 -15.73
CA ALA A 392 -14.91 -10.96 -15.18
C ALA A 392 -15.44 -9.90 -16.16
N ASN A 393 -14.89 -9.91 -17.38
CA ASN A 393 -15.22 -8.92 -18.42
C ASN A 393 -14.88 -7.47 -18.04
N ARG A 394 -13.93 -7.29 -17.12
CA ARG A 394 -13.46 -5.95 -16.76
C ARG A 394 -12.42 -5.45 -17.75
N LEU A 395 -11.87 -6.36 -18.55
CA LEU A 395 -11.08 -5.94 -19.70
C LEU A 395 -11.43 -6.83 -20.89
N ARG A 396 -11.72 -6.18 -22.02
CA ARG A 396 -12.29 -6.83 -23.19
C ARG A 396 -11.24 -6.97 -24.27
N THR A 397 -11.07 -8.19 -24.75
CA THR A 397 -10.29 -8.45 -25.96
C THR A 397 -10.76 -9.75 -26.60
N LYS A 398 -10.55 -9.88 -27.90
CA LYS A 398 -10.90 -11.10 -28.62
C LYS A 398 -9.65 -11.95 -28.91
N ASP A 399 -8.54 -11.62 -28.24
CA ASP A 399 -7.26 -12.27 -28.48
C ASP A 399 -6.66 -12.85 -27.19
N SER A 400 -6.74 -14.16 -27.01
CA SER A 400 -6.25 -14.79 -25.78
C SER A 400 -4.71 -14.86 -25.71
N GLN A 401 -4.05 -14.90 -26.85
CA GLN A 401 -2.58 -14.77 -26.88
C GLN A 401 -2.12 -13.42 -26.29
N LEU A 402 -2.86 -12.36 -26.61
CA LEU A 402 -2.59 -11.03 -26.07
C LEU A 402 -2.73 -11.01 -24.55
N LEU A 403 -3.76 -11.69 -24.05
CA LEU A 403 -3.95 -11.81 -22.59
C LEU A 403 -2.76 -12.47 -21.92
N ARG A 404 -2.31 -13.59 -22.46
CA ARG A 404 -1.15 -14.27 -21.90
C ARG A 404 0.05 -13.34 -21.89
N ARG A 405 0.23 -12.58 -22.96
CA ARG A 405 1.35 -11.66 -23.06
C ARG A 405 1.29 -10.53 -22.03
N LEU A 406 0.08 -10.02 -21.77
CA LEU A 406 -0.11 -8.97 -20.77
C LEU A 406 0.10 -9.50 -19.37
N ASP A 407 -0.47 -10.67 -19.08
CA ASP A 407 -0.21 -11.36 -17.80
C ASP A 407 1.28 -11.42 -17.52
N ALA A 408 2.04 -11.91 -18.50
CA ALA A 408 3.45 -12.15 -18.32
C ALA A 408 4.25 -10.85 -18.20
N ALA A 409 3.92 -9.87 -19.05
CA ALA A 409 4.65 -8.62 -19.10
C ALA A 409 4.48 -7.78 -17.83
N PHE A 410 3.24 -7.66 -17.36
CA PHE A 410 2.93 -6.82 -16.20
C PHE A 410 3.30 -7.49 -14.87
N ALA A 411 3.64 -8.77 -14.88
CA ALA A 411 4.04 -9.46 -13.66
C ALA A 411 5.29 -8.81 -13.08
N SER A 412 5.45 -8.94 -11.77
CA SER A 412 6.60 -8.36 -11.09
C SER A 412 7.51 -9.47 -10.59
N ASP A 413 8.78 -9.33 -10.90
CA ASP A 413 9.84 -10.19 -10.39
C ASP A 413 9.77 -10.26 -8.86
N VAL A 414 9.77 -9.10 -8.21
CA VAL A 414 9.66 -8.99 -6.76
C VAL A 414 8.20 -8.77 -6.38
N PRO A 415 7.63 -9.66 -5.54
CA PRO A 415 6.19 -9.58 -5.25
C PRO A 415 5.75 -8.24 -4.66
N VAL A 416 4.55 -7.82 -5.02
CA VAL A 416 3.97 -6.56 -4.58
C VAL A 416 3.64 -6.62 -3.10
N GLN A 417 4.02 -5.57 -2.37
CA GLN A 417 3.76 -5.47 -0.94
C GLN A 417 3.12 -4.12 -0.59
N THR A 418 2.66 -3.98 0.64
CA THR A 418 2.02 -2.76 1.10
C THR A 418 2.90 -2.13 2.18
N ALA A 419 3.20 -0.85 2.02
CA ALA A 419 4.20 -0.19 2.87
C ALA A 419 3.62 0.20 4.23
N PHE A 420 2.78 1.22 4.23
CA PHE A 420 2.08 1.66 5.43
C PHE A 420 0.82 2.36 4.99
N GLU A 421 -0.18 2.28 5.86
CA GLU A 421 -1.48 2.89 5.63
C GLU A 421 -1.37 4.41 5.81
N PHE A 422 -2.12 5.16 5.01
CA PHE A 422 -2.14 6.62 5.12
C PHE A 422 -3.54 7.12 4.82
#